data_1ULL
#
_entry.id   1ULL
#
_cell.length_a   1.000
_cell.length_b   1.000
_cell.length_c   1.000
_cell.angle_alpha   90.00
_cell.angle_beta   90.00
_cell.angle_gamma   90.00
#
_symmetry.space_group_name_H-M   'P 1'
#
loop_
_entity.id
_entity.type
_entity.pdbx_description
1 polymer "RNA (5'-R (GP*GP*CP*UP*GP*GP*AP*CP*UP*CP*GP*UP*AP*CP*UP*UP*CP*GP* GP*UP*AP*CP*UP*GP*GP*AP*GP*AP*AP*AP*CP*AP*GP*CP*C)-3')"
2 polymer 'REV PEPTIDE'
#
loop_
_entity_poly.entity_id
_entity_poly.type
_entity_poly.pdbx_seq_one_letter_code
_entity_poly.pdbx_strand_id
1 'polyribonucleotide' GGCUGGACUCGUACUUCGGUACUGGAGAAACAGCC A
2 'polypeptide(L)' TRQARRNRRRRWRERQR B
#
# COMPACT_ATOMS: atom_id res chain seq x y z
N THR B 1 -4.73 12.17 -3.38
CA THR B 1 -3.32 12.26 -2.77
C THR B 1 -2.43 11.04 -2.96
N ARG B 2 -1.17 11.11 -2.45
CA ARG B 2 -0.14 10.11 -2.42
C ARG B 2 -0.48 9.07 -1.37
N GLN B 3 -1.25 9.42 -0.28
CA GLN B 3 -1.66 8.55 0.81
C GLN B 3 -2.56 7.39 0.34
N ALA B 4 -2.95 7.37 -0.98
CA ALA B 4 -3.73 6.31 -1.64
C ALA B 4 -2.74 5.18 -1.98
N ARG B 5 -1.65 5.47 -2.76
CA ARG B 5 -0.55 4.54 -3.00
C ARG B 5 -0.01 4.09 -1.63
N ARG B 6 0.19 5.00 -0.60
CA ARG B 6 0.55 4.61 0.78
C ARG B 6 -0.54 3.86 1.64
N ASN B 7 -1.57 3.30 0.95
CA ASN B 7 -2.69 2.48 1.46
C ASN B 7 -3.09 1.34 0.46
N ARG B 8 -3.06 1.57 -0.89
CA ARG B 8 -3.30 0.64 -1.97
C ARG B 8 -2.00 -0.16 -2.19
N ARG B 9 -0.89 0.45 -2.70
CA ARG B 9 0.43 -0.22 -2.86
C ARG B 9 0.89 -0.78 -1.49
N ARG B 10 0.76 0.00 -0.38
CA ARG B 10 1.08 -0.43 0.97
C ARG B 10 0.39 -1.77 1.36
N ARG B 11 -0.97 -1.96 1.09
CA ARG B 11 -1.75 -3.16 1.42
C ARG B 11 -1.40 -4.40 0.56
N TRP B 12 -1.09 -4.24 -0.78
CA TRP B 12 -0.63 -5.33 -1.65
C TRP B 12 0.87 -5.67 -1.41
N ARG B 13 1.74 -4.67 -1.02
CA ARG B 13 3.16 -4.83 -0.79
C ARG B 13 3.48 -5.37 0.62
N GLU B 14 3.04 -4.75 1.78
CA GLU B 14 3.33 -5.24 3.18
C GLU B 14 3.23 -6.80 3.30
N ARG B 15 2.23 -7.40 2.61
CA ARG B 15 1.99 -8.85 2.42
C ARG B 15 3.29 -9.70 2.17
N GLN B 16 4.31 -9.08 1.51
CA GLN B 16 5.64 -9.59 1.17
C GLN B 16 6.72 -9.49 2.29
N ARG B 17 6.70 -8.40 3.10
CA ARG B 17 7.57 -8.00 4.21
C ARG B 17 7.47 -9.05 5.33
N THR B 1 -5.10 10.45 -2.03
CA THR B 1 -3.83 11.31 -2.10
C THR B 1 -2.63 10.40 -2.59
N ARG B 2 -1.36 10.79 -2.26
CA ARG B 2 -0.16 9.94 -2.37
C ARG B 2 -0.38 8.64 -1.51
N GLN B 3 -1.06 8.85 -0.32
CA GLN B 3 -1.51 7.88 0.64
C GLN B 3 -2.54 6.92 0.01
N ALA B 4 -3.37 7.34 -1.02
CA ALA B 4 -4.34 6.42 -1.68
C ALA B 4 -3.49 5.24 -2.34
N ARG B 5 -2.45 5.60 -3.17
CA ARG B 5 -1.50 4.72 -3.86
C ARG B 5 -0.66 3.84 -2.90
N ARG B 6 -0.28 4.42 -1.72
CA ARG B 6 0.43 3.87 -0.56
C ARG B 6 -0.48 2.79 -0.03
N ASN B 7 -1.76 3.10 0.31
CA ASN B 7 -2.77 2.11 0.68
C ASN B 7 -2.86 0.90 -0.29
N ARG B 8 -2.61 1.04 -1.65
CA ARG B 8 -2.55 -0.10 -2.59
C ARG B 8 -1.48 -1.11 -2.13
N ARG B 9 -0.16 -0.73 -2.30
CA ARG B 9 1.00 -1.52 -1.90
C ARG B 9 1.12 -1.75 -0.39
N ARG B 10 0.97 -0.74 0.55
CA ARG B 10 0.99 -0.82 2.03
C ARG B 10 -0.22 -1.67 2.57
N ARG B 11 -0.54 -2.77 1.84
CA ARG B 11 -1.54 -3.83 1.96
C ARG B 11 -1.03 -4.99 1.12
N TRP B 12 -1.11 -4.92 -0.25
CA TRP B 12 -0.71 -5.95 -1.23
C TRP B 12 0.81 -6.27 -1.39
N ARG B 13 1.74 -5.40 -0.96
CA ARG B 13 3.20 -5.57 -0.89
C ARG B 13 3.66 -6.03 0.54
N GLU B 14 2.76 -5.89 1.55
CA GLU B 14 2.89 -6.23 2.97
C GLU B 14 3.00 -7.73 3.20
N ARG B 15 2.40 -8.52 2.28
CA ARG B 15 2.44 -9.96 2.17
C ARG B 15 3.88 -10.48 1.93
N GLN B 16 4.89 -9.60 1.63
CA GLN B 16 6.32 -9.82 1.41
C GLN B 16 7.06 -9.17 2.60
N ARG B 17 7.03 -7.81 2.74
CA ARG B 17 7.61 -7.01 3.81
C ARG B 17 7.28 -7.67 5.19
N THR B 1 -4.42 13.38 -1.39
CA THR B 1 -2.97 13.01 -0.98
C THR B 1 -2.20 11.83 -1.64
N ARG B 2 -0.86 11.67 -1.31
CA ARG B 2 0.02 10.58 -1.77
C ARG B 2 -0.31 9.28 -1.00
N GLN B 3 -0.89 9.36 0.24
CA GLN B 3 -1.26 8.21 1.11
C GLN B 3 -2.19 7.20 0.45
N ALA B 4 -3.03 7.66 -0.49
CA ALA B 4 -3.93 6.88 -1.35
C ALA B 4 -3.23 5.59 -1.91
N ARG B 5 -2.04 5.83 -2.54
CA ARG B 5 -1.14 4.91 -3.14
C ARG B 5 -0.33 4.16 -2.10
N ARG B 6 0.14 4.84 -0.98
CA ARG B 6 0.83 4.27 0.21
C ARG B 6 -0.09 3.19 0.85
N ASN B 7 -1.43 3.41 0.88
CA ASN B 7 -2.51 2.56 1.31
C ASN B 7 -2.56 1.33 0.35
N ARG B 8 -2.61 1.48 -1.04
CA ARG B 8 -2.50 0.33 -1.94
C ARG B 8 -1.18 -0.42 -1.68
N ARG B 9 -0.05 0.32 -1.75
CA ARG B 9 1.34 -0.14 -1.53
C ARG B 9 1.80 -0.37 -0.08
N ARG B 10 0.84 -0.76 0.79
CA ARG B 10 0.93 -1.18 2.19
C ARG B 10 0.23 -2.54 2.15
N ARG B 11 -1.12 -2.52 2.11
CA ARG B 11 -2.01 -3.69 2.08
C ARG B 11 -1.68 -4.80 1.05
N TRP B 12 -1.17 -4.46 -0.18
CA TRP B 12 -0.71 -5.40 -1.23
C TRP B 12 0.87 -5.52 -1.25
N ARG B 13 1.61 -5.04 -0.19
CA ARG B 13 3.07 -4.99 -0.07
C ARG B 13 3.58 -5.72 1.17
N GLU B 14 2.85 -5.57 2.31
CA GLU B 14 3.08 -6.20 3.61
C GLU B 14 3.13 -7.74 3.55
N ARG B 15 2.70 -8.34 2.41
CA ARG B 15 2.65 -9.75 2.00
C ARG B 15 3.99 -10.28 1.32
N GLN B 16 4.98 -9.35 1.09
CA GLN B 16 6.34 -9.43 0.55
C GLN B 16 7.34 -9.30 1.72
N ARG B 17 7.35 -8.13 2.48
CA ARG B 17 8.22 -7.83 3.60
C ARG B 17 7.74 -8.63 4.84
N THR B 1 -4.85 10.08 -3.26
CA THR B 1 -3.72 11.05 -3.06
C THR B 1 -2.40 10.29 -3.05
N ARG B 2 -1.30 10.93 -2.58
CA ARG B 2 -0.03 10.27 -2.41
C ARG B 2 -0.16 9.13 -1.37
N GLN B 3 -1.12 9.27 -0.42
CA GLN B 3 -1.51 8.33 0.60
C GLN B 3 -2.42 7.20 0.07
N ALA B 4 -2.91 7.24 -1.23
CA ALA B 4 -3.75 6.17 -1.83
C ALA B 4 -2.86 4.95 -2.18
N ARG B 5 -1.74 5.22 -2.95
CA ARG B 5 -0.66 4.34 -3.30
C ARG B 5 -0.21 3.68 -1.97
N ARG B 6 0.06 4.50 -0.88
CA ARG B 6 0.41 4.08 0.46
C ARG B 6 -0.66 3.24 1.24
N ASN B 7 -1.86 2.93 0.68
CA ASN B 7 -2.89 2.05 1.27
C ASN B 7 -3.26 0.87 0.33
N ARG B 8 -3.45 1.11 -1.02
CA ARG B 8 -3.77 0.13 -2.03
C ARG B 8 -2.66 -0.90 -2.17
N ARG B 9 -1.42 -0.51 -2.61
CA ARG B 9 -0.26 -1.38 -2.80
C ARG B 9 0.06 -2.06 -1.47
N ARG B 10 0.19 -1.23 -0.41
CA ARG B 10 0.42 -1.54 0.98
C ARG B 10 -0.45 -2.68 1.54
N ARG B 11 -1.83 -2.63 1.59
CA ARG B 11 -2.63 -3.71 2.15
C ARG B 11 -2.35 -5.08 1.51
N TRP B 12 -2.20 -5.22 0.14
CA TRP B 12 -1.75 -6.45 -0.51
C TRP B 12 -0.25 -6.74 -0.19
N ARG B 13 0.72 -5.74 -0.30
CA ARG B 13 2.18 -5.69 -0.04
C ARG B 13 2.61 -6.18 1.34
N GLU B 14 2.07 -5.62 2.47
CA GLU B 14 2.38 -5.97 3.86
C GLU B 14 2.42 -7.50 4.10
N ARG B 15 1.51 -8.27 3.45
CA ARG B 15 1.43 -9.74 3.40
C ARG B 15 2.70 -10.43 2.86
N GLN B 16 3.58 -9.73 2.07
CA GLN B 16 4.90 -10.18 1.59
C GLN B 16 5.97 -9.80 2.65
N ARG B 17 5.98 -8.46 3.00
CA ARG B 17 6.75 -7.68 3.96
C ARG B 17 6.20 -8.10 5.32
N THR B 1 -5.30 12.22 -3.40
CA THR B 1 -4.01 12.47 -2.63
C THR B 1 -2.99 11.33 -2.70
N ARG B 2 -1.67 11.61 -2.39
CA ARG B 2 -0.54 10.69 -2.29
C ARG B 2 -0.83 9.64 -1.21
N GLN B 3 -1.56 10.06 -0.15
CA GLN B 3 -2.00 9.30 1.01
C GLN B 3 -2.88 8.12 0.70
N ALA B 4 -3.33 7.97 -0.57
CA ALA B 4 -4.03 6.78 -1.04
C ALA B 4 -2.96 5.71 -1.22
N ARG B 5 -2.14 5.80 -2.33
CA ARG B 5 -0.94 5.02 -2.75
C ARG B 5 -0.15 4.39 -1.59
N ARG B 6 0.20 5.25 -0.57
CA ARG B 6 0.82 5.09 0.75
C ARG B 6 0.22 3.96 1.63
N ASN B 7 -1.14 3.86 1.53
CA ASN B 7 -2.07 2.95 2.16
C ASN B 7 -2.38 1.80 1.16
N ARG B 8 -2.60 2.04 -0.18
CA ARG B 8 -2.85 0.96 -1.18
C ARG B 8 -1.69 0.00 -1.40
N ARG B 9 -0.44 0.50 -1.57
CA ARG B 9 0.76 -0.28 -1.72
C ARG B 9 1.12 -1.01 -0.42
N ARG B 10 0.67 -0.53 0.75
CA ARG B 10 0.89 -1.08 2.07
C ARG B 10 0.19 -2.46 2.19
N ARG B 11 -1.19 -2.50 2.14
CA ARG B 11 -1.99 -3.74 2.22
C ARG B 11 -1.61 -4.79 1.13
N TRP B 12 -1.16 -4.36 -0.07
CA TRP B 12 -0.69 -5.19 -1.16
C TRP B 12 0.81 -5.56 -0.94
N ARG B 13 1.72 -4.68 -0.37
CA ARG B 13 3.13 -5.00 -0.09
C ARG B 13 3.23 -6.12 0.93
N GLU B 14 2.49 -6.07 2.08
CA GLU B 14 2.38 -7.12 3.13
C GLU B 14 2.42 -8.57 2.58
N ARG B 15 1.72 -8.86 1.43
CA ARG B 15 1.69 -10.14 0.71
C ARG B 15 3.08 -10.62 0.23
N GLN B 16 3.95 -9.68 -0.23
CA GLN B 16 5.35 -9.91 -0.60
C GLN B 16 6.27 -9.69 0.65
N ARG B 17 6.00 -8.61 1.46
CA ARG B 17 6.64 -8.21 2.70
C ARG B 17 6.10 -9.19 3.77
N THR B 1 -4.60 11.30 -3.59
CA THR B 1 -3.45 11.88 -2.78
C THR B 1 -2.36 10.87 -2.55
N ARG B 2 -1.10 11.30 -2.19
CA ARG B 2 0.01 10.37 -1.91
C ARG B 2 -0.32 9.31 -0.82
N GLN B 3 -1.30 9.66 0.05
CA GLN B 3 -1.80 8.84 1.13
C GLN B 3 -2.74 7.69 0.68
N ALA B 4 -3.21 7.73 -0.61
CA ALA B 4 -3.99 6.68 -1.23
C ALA B 4 -3.05 5.58 -1.68
N ARG B 5 -1.96 5.97 -2.40
CA ARG B 5 -0.83 5.20 -2.91
C ARG B 5 -0.23 4.29 -1.81
N ARG B 6 0.01 4.90 -0.62
CA ARG B 6 0.43 4.30 0.64
C ARG B 6 -0.48 3.13 1.07
N ASN B 7 -1.79 3.22 0.76
CA ASN B 7 -2.83 2.26 1.06
C ASN B 7 -3.04 1.28 -0.09
N ARG B 8 -3.04 1.71 -1.38
CA ARG B 8 -3.08 0.80 -2.50
C ARG B 8 -1.92 -0.22 -2.38
N ARG B 9 -0.62 0.17 -2.10
CA ARG B 9 0.47 -0.81 -1.84
C ARG B 9 0.16 -1.72 -0.65
N ARG B 10 -0.20 -1.11 0.52
CA ARG B 10 -0.59 -1.84 1.70
C ARG B 10 -1.65 -2.88 1.37
N ARG B 11 -2.63 -2.61 0.47
CA ARG B 11 -3.67 -3.52 0.01
C ARG B 11 -3.14 -4.65 -0.90
N TRP B 12 -2.33 -4.40 -1.99
CA TRP B 12 -1.67 -5.46 -2.81
C TRP B 12 -0.76 -6.39 -1.91
N ARG B 13 -0.17 -5.84 -0.78
CA ARG B 13 0.54 -6.57 0.27
C ARG B 13 -0.51 -7.32 1.12
N GLU B 14 -1.51 -6.61 1.80
CA GLU B 14 -2.64 -7.14 2.61
C GLU B 14 -3.20 -8.45 1.99
N ARG B 15 -3.45 -8.46 0.65
CA ARG B 15 -3.87 -9.56 -0.22
C ARG B 15 -3.09 -10.89 0.04
N GLN B 16 -1.75 -10.81 0.28
CA GLN B 16 -0.87 -11.93 0.60
C GLN B 16 -1.00 -12.44 2.07
N ARG B 17 -1.57 -11.66 3.05
CA ARG B 17 -1.74 -12.02 4.47
C ARG B 17 -2.20 -13.50 4.63
N THR B 1 -2.91 14.39 -2.83
CA THR B 1 -3.28 13.28 -1.87
C THR B 1 -2.16 12.33 -1.42
N ARG B 2 -1.43 11.68 -2.40
CA ARG B 2 -0.35 10.71 -2.31
C ARG B 2 -0.68 9.41 -1.57
N GLN B 3 -1.20 9.55 -0.34
CA GLN B 3 -1.62 8.50 0.58
C GLN B 3 -2.49 7.42 -0.05
N ALA B 4 -3.37 7.76 -1.03
CA ALA B 4 -4.20 6.80 -1.77
C ALA B 4 -3.33 5.63 -2.41
N ARG B 5 -2.15 6.06 -3.02
CA ARG B 5 -1.10 5.24 -3.61
C ARG B 5 -0.33 4.52 -2.51
N ARG B 6 -0.29 5.06 -1.24
CA ARG B 6 0.24 4.51 -0.02
C ARG B 6 -0.80 3.45 0.36
N ASN B 7 -2.07 3.71 0.78
CA ASN B 7 -3.11 2.75 1.18
C ASN B 7 -3.17 1.44 0.39
N ARG B 8 -3.33 1.47 -0.98
CA ARG B 8 -3.26 0.29 -1.85
C ARG B 8 -1.98 -0.50 -1.52
N ARG B 9 -0.80 0.17 -1.57
CA ARG B 9 0.56 -0.27 -1.27
C ARG B 9 0.83 -0.58 0.20
N ARG B 10 0.52 0.26 1.22
CA ARG B 10 0.62 0.16 2.69
C ARG B 10 -0.35 -0.98 3.13
N ARG B 11 -0.32 -2.15 2.45
CA ARG B 11 -1.12 -3.36 2.46
C ARG B 11 -0.34 -4.28 1.45
N TRP B 12 -0.51 -4.05 0.09
CA TRP B 12 0.15 -4.78 -0.98
C TRP B 12 1.70 -4.83 -0.95
N ARG B 13 2.40 -3.84 -0.33
CA ARG B 13 3.82 -3.76 -0.10
C ARG B 13 4.11 -4.96 0.85
N GLU B 14 3.55 -5.06 2.09
CA GLU B 14 3.63 -6.10 3.15
C GLU B 14 3.77 -7.54 2.62
N ARG B 15 2.87 -7.89 1.66
CA ARG B 15 2.82 -9.19 0.98
C ARG B 15 4.08 -9.51 0.09
N GLN B 16 4.98 -8.50 -0.15
CA GLN B 16 6.23 -8.52 -0.92
C GLN B 16 7.44 -7.81 -0.20
N ARG B 17 7.23 -6.67 0.53
CA ARG B 17 8.09 -5.80 1.31
C ARG B 17 8.95 -6.62 2.26
#